data_4KN5
#
_entry.id   4KN5
#
_cell.length_a   89.252
_cell.length_b   89.252
_cell.length_c   127.545
_cell.angle_alpha   90.000
_cell.angle_beta   90.000
_cell.angle_gamma   90.000
#
_symmetry.space_group_name_H-M   'P 43 21 2'
#
loop_
_entity.id
_entity.type
_entity.pdbx_description
1 polymer 'Methylthioadenosine nucleosidase'
2 non-polymer 1,2-ETHANEDIOL
3 non-polymer GLYCEROL
4 water water
#
_entity_poly.entity_id   1
_entity_poly.type   'polypeptide(L)'
_entity_poly.pdbx_seq_one_letter_code
;(MSE)HHHHHHSSGVDLGTENLYFQS(MSE)RYGVINA(MSE)AEEKAALVDA(MSE)IDEKKTTIAGKLFHHGKIGHVD
VVVVESGIGKVASALTTTLLITNFGVDAVINSGSAGALGTDLRIGDIVIADYLAYADADARAFGYAYGQVPQQPARFKAD
TDLSNDLSESYEKVTDARLVRGLVVTSDSFIASNEQKQTILTHFPEAQSAE(MSE)EGASIAQVANYFDVPFAVVRAISD
NANGEAG(MSE)TFDDFIVEAGQQSAQVLINFFEAQA
;
_entity_poly.pdbx_strand_id   A,B
#
loop_
_chem_comp.id
_chem_comp.type
_chem_comp.name
_chem_comp.formula
EDO non-polymer 1,2-ETHANEDIOL 'C2 H6 O2'
GOL non-polymer GLYCEROL 'C3 H8 O3'
#
# COMPACT_ATOMS: atom_id res chain seq x y z
N TYR A 19 10.72 -26.10 -3.51
CA TYR A 19 11.34 -25.49 -4.74
C TYR A 19 11.03 -26.19 -6.08
N PHE A 20 10.74 -27.49 -6.04
CA PHE A 20 10.74 -28.32 -7.26
C PHE A 20 9.41 -29.01 -7.57
N GLN A 21 8.32 -28.30 -7.25
CA GLN A 21 7.00 -28.61 -7.81
C GLN A 21 6.64 -27.55 -8.86
N SER A 22 5.92 -27.98 -9.88
CA SER A 22 5.58 -27.15 -11.04
CA SER A 22 5.55 -27.17 -11.05
C SER A 22 4.58 -26.03 -10.71
N MSE A 23 3.68 -26.24 -9.76
CA MSE A 23 2.75 -25.14 -9.36
C MSE A 23 3.16 -24.68 -7.99
O MSE A 23 3.45 -25.49 -7.09
CB MSE A 23 1.26 -25.54 -9.40
CG MSE A 23 0.70 -25.68 -10.84
SE MSE A 23 0.32 -23.99 -11.77
CE MSE A 23 -0.98 -23.24 -10.50
N ARG A 24 3.17 -23.34 -7.80
CA ARG A 24 3.62 -22.75 -6.54
C ARG A 24 2.56 -21.67 -6.16
N TYR A 25 1.96 -21.84 -5.02
CA TYR A 25 0.95 -20.90 -4.50
C TYR A 25 1.53 -20.08 -3.36
N GLY A 26 1.22 -18.77 -3.35
CA GLY A 26 1.49 -17.94 -2.23
C GLY A 26 0.26 -17.77 -1.38
N VAL A 27 0.39 -17.96 -0.09
CA VAL A 27 -0.65 -17.76 0.86
C VAL A 27 -0.26 -16.58 1.73
N ILE A 28 -1.00 -15.49 1.60
CA ILE A 28 -0.69 -14.27 2.34
C ILE A 28 -1.69 -14.23 3.48
N ASN A 29 -1.14 -14.41 4.68
CA ASN A 29 -1.81 -14.99 5.86
C ASN A 29 -1.98 -13.99 6.98
N ALA A 30 -3.00 -14.17 7.82
CA ALA A 30 -3.08 -13.40 9.08
C ALA A 30 -3.66 -14.16 10.28
N MSE A 31 -3.98 -15.44 10.10
CA MSE A 31 -4.66 -16.23 11.13
C MSE A 31 -3.62 -17.23 11.60
O MSE A 31 -3.13 -18.05 10.82
CB MSE A 31 -5.91 -16.91 10.54
CG MSE A 31 -6.98 -15.88 10.21
SE MSE A 31 -8.63 -16.85 9.67
CE MSE A 31 -7.89 -17.63 8.06
N ALA A 32 -3.28 -17.17 12.88
CA ALA A 32 -2.22 -18.01 13.45
C ALA A 32 -2.47 -19.52 13.31
N GLU A 33 -3.68 -20.00 13.57
CA GLU A 33 -3.93 -21.42 13.45
CA GLU A 33 -4.00 -21.42 13.44
C GLU A 33 -3.89 -21.87 11.96
N GLU A 34 -4.21 -20.98 11.03
CA GLU A 34 -4.05 -21.36 9.62
C GLU A 34 -2.57 -21.53 9.27
N LYS A 35 -1.74 -20.62 9.76
CA LYS A 35 -0.31 -20.73 9.49
C LYS A 35 0.25 -22.02 10.16
N ALA A 36 -0.15 -22.24 11.40
CA ALA A 36 0.34 -23.43 12.15
C ALA A 36 -0.02 -24.72 11.39
N ALA A 37 -1.28 -24.86 10.95
CA ALA A 37 -1.70 -26.07 10.21
C ALA A 37 -1.10 -26.23 8.83
N LEU A 38 -0.90 -25.14 8.10
CA LEU A 38 -0.25 -25.22 6.82
C LEU A 38 1.23 -25.63 6.94
N VAL A 39 1.92 -25.06 7.94
CA VAL A 39 3.30 -25.44 8.20
C VAL A 39 3.35 -26.92 8.61
N ASP A 40 2.45 -27.34 9.49
CA ASP A 40 2.45 -28.72 9.95
CA ASP A 40 2.38 -28.73 9.95
C ASP A 40 2.25 -29.65 8.76
N ALA A 41 1.42 -29.25 7.80
CA ALA A 41 1.17 -30.07 6.61
C ALA A 41 2.32 -30.13 5.63
N MSE A 42 3.28 -29.22 5.72
CA MSE A 42 4.36 -29.15 4.74
CA MSE A 42 4.36 -29.17 4.74
C MSE A 42 5.35 -30.26 4.96
O MSE A 42 5.71 -30.57 6.11
CB MSE A 42 5.18 -27.84 4.82
CB MSE A 42 5.19 -27.89 4.83
CG MSE A 42 4.63 -26.71 3.94
CG MSE A 42 4.43 -26.70 4.27
SE MSE A 42 5.92 -25.21 3.91
SE MSE A 42 5.34 -25.08 4.91
CE MSE A 42 5.64 -24.60 5.75
CE MSE A 42 4.14 -23.89 3.88
N ILE A 43 5.84 -30.84 3.88
CA ILE A 43 6.96 -31.75 3.97
C ILE A 43 8.12 -30.95 3.38
N ASP A 44 9.33 -31.17 3.90
CA ASP A 44 10.48 -30.26 3.73
C ASP A 44 10.18 -28.76 3.99
N GLU A 45 9.56 -28.47 5.12
CA GLU A 45 9.39 -27.09 5.60
C GLU A 45 10.72 -26.35 5.62
N LYS A 46 10.74 -25.17 5.01
CA LYS A 46 11.88 -24.30 4.96
C LYS A 46 11.44 -22.94 5.49
N LYS A 47 12.41 -22.17 5.99
CA LYS A 47 12.17 -20.85 6.53
C LYS A 47 13.20 -19.92 5.93
N THR A 48 12.74 -18.93 5.18
CA THR A 48 13.63 -17.99 4.51
C THR A 48 13.19 -16.56 4.87
N THR A 49 14.13 -15.74 5.31
CA THR A 49 13.87 -14.33 5.60
C THR A 49 14.41 -13.47 4.49
N ILE A 50 13.55 -12.63 3.88
CA ILE A 50 13.94 -11.70 2.84
C ILE A 50 13.39 -10.34 3.22
N ALA A 51 14.24 -9.32 3.28
CA ALA A 51 13.80 -7.96 3.66
C ALA A 51 12.96 -7.96 4.93
N GLY A 52 13.42 -8.72 5.92
CA GLY A 52 12.78 -8.81 7.23
C GLY A 52 11.50 -9.59 7.32
N LYS A 53 11.08 -10.19 6.19
CA LYS A 53 9.84 -10.93 6.13
C LYS A 53 10.15 -12.41 6.15
N LEU A 54 9.48 -13.13 7.01
CA LEU A 54 9.66 -14.58 7.09
C LEU A 54 8.74 -15.32 6.11
N PHE A 55 9.33 -16.09 5.21
CA PHE A 55 8.56 -16.94 4.32
C PHE A 55 8.74 -18.40 4.73
N HIS A 56 7.62 -19.10 4.96
CA HIS A 56 7.60 -20.54 5.27
C HIS A 56 7.23 -21.21 4.00
N HIS A 57 8.07 -22.13 3.54
CA HIS A 57 7.77 -22.77 2.30
C HIS A 57 8.07 -24.27 2.29
N GLY A 58 7.27 -24.97 1.48
CA GLY A 58 7.37 -26.43 1.33
C GLY A 58 6.19 -27.02 0.58
N LYS A 59 6.19 -28.35 0.55
CA LYS A 59 5.32 -29.09 -0.34
C LYS A 59 4.08 -29.54 0.41
N ILE A 60 2.90 -29.29 -0.19
CA ILE A 60 1.65 -29.85 0.30
C ILE A 60 0.99 -30.54 -0.88
N GLY A 61 0.77 -31.84 -0.75
CA GLY A 61 0.30 -32.63 -1.88
C GLY A 61 1.42 -32.61 -2.90
N HIS A 62 1.09 -32.34 -4.15
CA HIS A 62 2.08 -32.24 -5.23
CA HIS A 62 2.06 -32.25 -5.24
C HIS A 62 2.36 -30.79 -5.66
N VAL A 63 2.04 -29.81 -4.81
CA VAL A 63 2.39 -28.39 -5.11
C VAL A 63 3.24 -27.76 -4.02
N ASP A 64 4.00 -26.72 -4.38
CA ASP A 64 4.76 -25.93 -3.36
CA ASP A 64 4.74 -25.94 -3.37
C ASP A 64 3.87 -24.77 -2.90
N VAL A 65 4.00 -24.45 -1.62
CA VAL A 65 3.19 -23.44 -0.92
C VAL A 65 4.15 -22.53 -0.15
N VAL A 66 3.93 -21.23 -0.30
CA VAL A 66 4.78 -20.23 0.35
C VAL A 66 3.83 -19.42 1.20
N VAL A 67 4.04 -19.42 2.51
CA VAL A 67 3.19 -18.74 3.44
C VAL A 67 3.94 -17.56 4.09
N VAL A 68 3.31 -16.37 4.06
CA VAL A 68 3.94 -15.14 4.57
C VAL A 68 2.85 -14.32 5.25
N GLU A 69 3.15 -13.73 6.40
CA GLU A 69 2.18 -12.86 7.06
C GLU A 69 1.96 -11.57 6.23
N SER A 70 0.70 -11.19 6.09
CA SER A 70 0.37 -10.02 5.24
C SER A 70 0.94 -8.73 5.74
N GLY A 71 0.94 -8.54 7.07
CA GLY A 71 1.06 -7.20 7.66
C GLY A 71 -0.30 -6.54 7.64
N ILE A 72 -0.43 -5.42 8.36
CA ILE A 72 -1.70 -4.73 8.55
C ILE A 72 -1.73 -3.48 7.70
N GLY A 73 -2.81 -3.35 6.93
CA GLY A 73 -3.00 -2.19 6.11
C GLY A 73 -2.49 -2.25 4.68
N LYS A 74 -2.77 -1.18 3.95
CA LYS A 74 -2.52 -1.19 2.53
C LYS A 74 -1.04 -1.25 2.10
N VAL A 75 -0.22 -0.40 2.68
CA VAL A 75 1.19 -0.35 2.33
C VAL A 75 1.94 -1.59 2.79
N ALA A 76 1.68 -2.03 4.05
CA ALA A 76 2.35 -3.23 4.57
C ALA A 76 2.04 -4.48 3.70
N SER A 77 0.76 -4.65 3.35
CA SER A 77 0.37 -5.80 2.54
C SER A 77 0.87 -5.66 1.11
N ALA A 78 0.94 -4.43 0.58
CA ALA A 78 1.48 -4.24 -0.76
C ALA A 78 2.94 -4.67 -0.79
N LEU A 79 3.67 -4.26 0.26
CA LEU A 79 5.09 -4.58 0.38
C LEU A 79 5.30 -6.09 0.42
N THR A 80 4.53 -6.79 1.25
CA THR A 80 4.57 -8.25 1.37
C THR A 80 4.32 -8.87 0.04
N THR A 81 3.26 -8.41 -0.63
CA THR A 81 2.91 -8.98 -1.92
C THR A 81 3.98 -8.80 -2.98
N THR A 82 4.59 -7.62 -3.02
CA THR A 82 5.67 -7.33 -3.89
C THR A 82 6.86 -8.30 -3.64
N LEU A 83 7.24 -8.43 -2.39
CA LEU A 83 8.38 -9.34 -2.03
C LEU A 83 8.07 -10.76 -2.40
N LEU A 84 6.84 -11.18 -2.14
CA LEU A 84 6.44 -12.54 -2.47
C LEU A 84 6.56 -12.87 -3.94
N ILE A 85 5.98 -12.03 -4.78
CA ILE A 85 5.96 -12.24 -6.19
C ILE A 85 7.38 -12.15 -6.77
N THR A 86 8.12 -11.13 -6.39
CA THR A 86 9.42 -10.88 -6.99
C THR A 86 10.47 -11.91 -6.55
N ASN A 87 10.32 -12.49 -5.37
CA ASN A 87 11.30 -13.45 -4.85
C ASN A 87 10.91 -14.92 -5.07
N PHE A 88 9.62 -15.21 -5.25
CA PHE A 88 9.18 -16.61 -5.38
C PHE A 88 8.49 -16.95 -6.70
N GLY A 89 8.09 -15.95 -7.49
CA GLY A 89 7.43 -16.18 -8.78
C GLY A 89 6.21 -17.06 -8.70
N VAL A 90 5.39 -16.86 -7.67
CA VAL A 90 4.23 -17.64 -7.46
C VAL A 90 3.28 -17.58 -8.63
N ASP A 91 2.62 -18.71 -8.87
CA ASP A 91 1.64 -18.81 -9.95
C ASP A 91 0.33 -18.10 -9.57
N ALA A 92 0.06 -18.02 -8.28
CA ALA A 92 -1.17 -17.40 -7.78
C ALA A 92 -0.97 -17.00 -6.32
N VAL A 93 -1.77 -16.02 -5.87
CA VAL A 93 -1.78 -15.53 -4.52
C VAL A 93 -3.16 -15.77 -3.90
N ILE A 94 -3.19 -16.38 -2.71
CA ILE A 94 -4.42 -16.56 -1.94
C ILE A 94 -4.33 -15.78 -0.64
N ASN A 95 -5.26 -14.86 -0.43
CA ASN A 95 -5.25 -14.03 0.78
C ASN A 95 -6.45 -14.39 1.60
N SER A 96 -6.25 -15.17 2.66
CA SER A 96 -7.28 -15.67 3.57
CA SER A 96 -7.38 -15.55 3.51
C SER A 96 -7.31 -14.88 4.86
N GLY A 97 -8.46 -14.75 5.49
CA GLY A 97 -8.57 -14.00 6.74
C GLY A 97 -9.97 -14.01 7.31
N SER A 98 -10.18 -13.15 8.29
CA SER A 98 -11.49 -13.00 8.87
C SER A 98 -11.80 -11.50 8.83
N ALA A 99 -13.08 -11.18 8.78
CA ALA A 99 -13.55 -9.80 8.71
C ALA A 99 -14.96 -9.70 9.20
N GLY A 100 -15.37 -8.50 9.60
CA GLY A 100 -16.72 -8.30 10.08
C GLY A 100 -17.70 -8.20 8.91
N ALA A 101 -18.98 -8.42 9.20
CA ALA A 101 -20.05 -8.28 8.22
C ALA A 101 -20.51 -6.86 7.93
N LEU A 102 -20.61 -6.52 6.64
CA LEU A 102 -21.38 -5.38 6.13
CA LEU A 102 -21.40 -5.38 6.18
C LEU A 102 -22.71 -5.87 5.58
N GLY A 103 -22.67 -6.96 4.82
CA GLY A 103 -23.88 -7.47 4.13
C GLY A 103 -24.99 -7.85 5.12
N THR A 104 -26.22 -7.39 4.89
CA THR A 104 -27.29 -7.50 5.91
C THR A 104 -27.58 -8.94 6.36
N ASP A 105 -27.51 -9.89 5.46
CA ASP A 105 -27.91 -11.26 5.81
C ASP A 105 -26.76 -12.07 6.39
N LEU A 106 -25.58 -11.49 6.50
CA LEU A 106 -24.41 -12.28 6.87
C LEU A 106 -24.45 -12.67 8.36
N ARG A 107 -23.96 -13.89 8.62
CA ARG A 107 -23.88 -14.47 9.94
C ARG A 107 -22.48 -15.00 10.24
N ILE A 108 -22.15 -15.08 11.53
CA ILE A 108 -20.87 -15.67 11.92
C ILE A 108 -20.62 -17.02 11.29
N GLY A 109 -19.43 -17.19 10.70
CA GLY A 109 -19.05 -18.42 10.07
C GLY A 109 -19.31 -18.47 8.57
N ASP A 110 -20.06 -17.49 8.06
CA ASP A 110 -20.24 -17.33 6.61
C ASP A 110 -18.87 -17.06 5.99
N ILE A 111 -18.67 -17.54 4.77
CA ILE A 111 -17.39 -17.42 4.06
C ILE A 111 -17.64 -16.59 2.80
N VAL A 112 -17.03 -15.43 2.74
CA VAL A 112 -17.07 -14.58 1.55
C VAL A 112 -15.85 -14.86 0.67
N ILE A 113 -16.08 -15.31 -0.55
CA ILE A 113 -15.03 -15.47 -1.53
C ILE A 113 -15.24 -14.33 -2.53
N ALA A 114 -14.32 -13.40 -2.59
CA ALA A 114 -14.54 -12.16 -3.35
C ALA A 114 -14.59 -12.45 -4.85
N ASP A 115 -15.53 -11.85 -5.59
CA ASP A 115 -15.39 -11.69 -7.04
C ASP A 115 -14.59 -10.41 -7.37
N TYR A 116 -14.77 -9.36 -6.58
CA TYR A 116 -14.10 -8.06 -6.80
C TYR A 116 -13.61 -7.49 -5.45
N LEU A 117 -12.56 -6.68 -5.56
CA LEU A 117 -12.04 -5.85 -4.49
C LEU A 117 -12.05 -4.40 -4.96
N ALA A 118 -12.33 -3.47 -4.04
CA ALA A 118 -12.20 -2.05 -4.31
C ALA A 118 -11.78 -1.30 -3.06
N TYR A 119 -11.25 -0.12 -3.25
CA TYR A 119 -10.95 0.76 -2.12
C TYR A 119 -12.19 1.48 -1.63
N ALA A 120 -12.41 1.41 -0.33
CA ALA A 120 -13.66 1.85 0.27
C ALA A 120 -13.88 3.31 0.27
N ASP A 121 -12.79 4.07 0.31
CA ASP A 121 -12.88 5.51 0.52
C ASP A 121 -11.97 6.36 -0.41
N ALA A 122 -11.36 5.76 -1.46
CA ALA A 122 -10.48 6.49 -2.39
C ALA A 122 -11.38 7.30 -3.33
N ASP A 123 -11.27 8.62 -3.24
CA ASP A 123 -12.16 9.52 -3.99
C ASP A 123 -11.37 10.48 -4.85
N ALA A 124 -11.31 10.20 -6.15
CA ALA A 124 -10.77 11.14 -7.13
C ALA A 124 -11.84 11.45 -8.19
N ARG A 125 -13.08 11.57 -7.75
CA ARG A 125 -14.18 11.82 -8.69
C ARG A 125 -14.00 13.12 -9.48
N ALA A 126 -13.34 14.09 -8.86
CA ALA A 126 -13.00 15.37 -9.54
C ALA A 126 -12.28 15.24 -10.90
N PHE A 127 -11.59 14.14 -11.12
CA PHE A 127 -10.94 13.89 -12.42
C PHE A 127 -11.71 12.93 -13.32
N GLY A 128 -12.93 12.57 -12.93
CA GLY A 128 -13.77 11.70 -13.73
C GLY A 128 -13.70 10.23 -13.35
N TYR A 129 -12.94 9.90 -12.28
CA TYR A 129 -12.86 8.48 -11.89
C TYR A 129 -14.11 8.08 -11.08
N ALA A 130 -14.41 6.79 -11.08
CA ALA A 130 -15.49 6.20 -10.26
C ALA A 130 -15.10 6.28 -8.79
N TYR A 131 -16.09 6.35 -7.90
CA TYR A 131 -15.81 6.32 -6.46
C TYR A 131 -15.03 5.04 -6.15
N GLY A 132 -13.98 5.17 -5.35
CA GLY A 132 -13.14 4.02 -5.00
C GLY A 132 -11.96 3.83 -5.91
N GLN A 133 -11.94 4.45 -7.08
CA GLN A 133 -10.91 4.25 -8.05
C GLN A 133 -9.70 5.17 -7.79
N VAL A 134 -8.53 4.57 -7.70
CA VAL A 134 -7.29 5.31 -7.71
C VAL A 134 -6.92 5.60 -9.15
N PRO A 135 -6.53 6.83 -9.46
CA PRO A 135 -6.10 7.10 -10.85
C PRO A 135 -4.99 6.16 -11.39
N GLN A 136 -5.14 5.70 -12.64
CA GLN A 136 -4.25 4.71 -13.31
C GLN A 136 -4.49 3.27 -12.86
N GLN A 137 -5.40 3.09 -11.92
CA GLN A 137 -5.89 1.76 -11.59
C GLN A 137 -7.29 1.52 -12.17
N PRO A 138 -7.66 0.24 -12.35
CA PRO A 138 -9.09 -0.11 -12.63
C PRO A 138 -9.94 0.32 -11.44
N ALA A 139 -11.24 0.55 -11.66
CA ALA A 139 -12.11 0.93 -10.52
C ALA A 139 -12.26 -0.19 -9.51
N ARG A 140 -12.23 -1.44 -10.01
CA ARG A 140 -12.24 -2.59 -9.14
C ARG A 140 -11.22 -3.63 -9.64
N PHE A 141 -10.73 -4.44 -8.73
CA PHE A 141 -9.81 -5.49 -9.08
C PHE A 141 -10.58 -6.80 -9.13
N LYS A 142 -10.40 -7.54 -10.22
CA LYS A 142 -11.09 -8.83 -10.49
CA LYS A 142 -11.11 -8.81 -10.41
C LYS A 142 -10.35 -10.01 -9.91
N ALA A 143 -10.91 -10.68 -8.91
CA ALA A 143 -10.38 -11.94 -8.43
C ALA A 143 -10.39 -13.00 -9.56
N ASP A 144 -9.41 -13.89 -9.55
CA ASP A 144 -9.28 -14.93 -10.60
C ASP A 144 -10.46 -15.88 -10.51
N THR A 145 -11.17 -16.04 -11.62
CA THR A 145 -12.39 -16.84 -11.69
CA THR A 145 -12.40 -16.83 -11.59
C THR A 145 -12.12 -18.31 -11.32
N ASP A 146 -11.13 -18.88 -11.97
CA ASP A 146 -10.84 -20.32 -11.80
C ASP A 146 -10.35 -20.64 -10.40
N LEU A 147 -9.42 -19.85 -9.87
CA LEU A 147 -8.90 -20.05 -8.52
C LEU A 147 -10.02 -19.89 -7.48
N SER A 148 -10.82 -18.84 -7.64
CA SER A 148 -11.87 -18.55 -6.69
C SER A 148 -12.92 -19.65 -6.73
N ASN A 149 -13.23 -20.11 -7.94
CA ASN A 149 -14.15 -21.26 -8.08
C ASN A 149 -13.65 -22.55 -7.43
N ASP A 150 -12.36 -22.83 -7.62
CA ASP A 150 -11.70 -24.00 -7.05
C ASP A 150 -11.73 -23.93 -5.56
N LEU A 151 -11.48 -22.74 -5.01
CA LEU A 151 -11.58 -22.56 -3.55
C LEU A 151 -12.97 -22.75 -3.04
N SER A 152 -13.97 -22.29 -3.80
CA SER A 152 -15.35 -22.44 -3.39
CA SER A 152 -15.36 -22.46 -3.41
C SER A 152 -15.71 -23.93 -3.34
N GLU A 153 -15.23 -24.70 -4.32
CA GLU A 153 -15.45 -26.15 -4.37
C GLU A 153 -14.83 -26.86 -3.19
N SER A 154 -13.63 -26.44 -2.80
CA SER A 154 -13.01 -27.01 -1.59
C SER A 154 -13.78 -26.71 -0.31
N TYR A 155 -14.30 -25.48 -0.18
CA TYR A 155 -15.20 -25.16 0.90
C TYR A 155 -16.44 -26.07 0.91
N GLU A 156 -16.99 -26.32 -0.27
CA GLU A 156 -18.20 -27.17 -0.36
C GLU A 156 -17.93 -28.62 -0.01
N LYS A 157 -16.75 -29.09 -0.35
CA LYS A 157 -16.32 -30.46 -0.11
C LYS A 157 -16.06 -30.74 1.38
N VAL A 158 -15.34 -29.84 2.06
CA VAL A 158 -14.87 -30.14 3.42
C VAL A 158 -15.50 -29.39 4.56
N THR A 159 -16.38 -28.43 4.28
CA THR A 159 -17.11 -27.71 5.33
C THR A 159 -18.57 -27.71 5.01
N ASP A 160 -19.40 -27.35 5.99
CA ASP A 160 -20.78 -26.98 5.72
C ASP A 160 -21.02 -25.50 5.92
N ALA A 161 -20.01 -24.68 5.63
CA ALA A 161 -20.17 -23.24 5.74
C ALA A 161 -21.04 -22.67 4.61
N ARG A 162 -21.86 -21.68 4.92
CA ARG A 162 -22.59 -20.94 3.89
CA ARG A 162 -22.61 -20.90 3.96
C ARG A 162 -21.58 -20.08 3.15
N LEU A 163 -21.52 -20.23 1.83
CA LEU A 163 -20.64 -19.39 0.97
C LEU A 163 -21.39 -18.19 0.41
N VAL A 164 -20.68 -17.06 0.31
CA VAL A 164 -21.16 -15.84 -0.28
C VAL A 164 -20.09 -15.41 -1.30
N ARG A 165 -20.53 -14.96 -2.48
CA ARG A 165 -19.64 -14.44 -3.50
C ARG A 165 -20.02 -13.01 -3.77
N GLY A 166 -19.05 -12.10 -3.73
CA GLY A 166 -19.33 -10.71 -3.93
C GLY A 166 -18.17 -9.76 -3.70
N LEU A 167 -18.52 -8.53 -3.39
CA LEU A 167 -17.57 -7.43 -3.32
C LEU A 167 -17.03 -7.32 -1.89
N VAL A 168 -15.70 -7.22 -1.79
CA VAL A 168 -15.00 -6.87 -0.56
C VAL A 168 -14.31 -5.55 -0.77
N VAL A 169 -14.37 -4.65 0.23
CA VAL A 169 -13.75 -3.35 0.13
C VAL A 169 -12.65 -3.18 1.23
N THR A 170 -11.72 -2.30 0.94
CA THR A 170 -10.47 -2.17 1.72
C THR A 170 -10.20 -0.71 2.03
N SER A 171 -9.80 -0.44 3.28
CA SER A 171 -9.25 0.85 3.63
C SER A 171 -8.24 0.65 4.77
N ASP A 172 -7.54 1.74 5.05
CA ASP A 172 -6.58 1.81 6.18
C ASP A 172 -7.27 2.28 7.49
N SER A 173 -8.59 2.17 7.55
CA SER A 173 -9.34 2.36 8.78
C SER A 173 -9.90 1.05 9.27
N PHE A 174 -10.11 0.96 10.57
CA PHE A 174 -10.83 -0.15 11.16
C PHE A 174 -12.29 0.25 11.21
N ILE A 175 -13.14 -0.49 10.51
CA ILE A 175 -14.55 -0.12 10.37
C ILE A 175 -15.36 -0.71 11.51
N ALA A 176 -15.72 0.14 12.46
CA ALA A 176 -16.35 -0.31 13.73
C ALA A 176 -17.75 0.27 13.99
N SER A 177 -17.93 1.57 13.80
CA SER A 177 -19.23 2.22 14.11
C SER A 177 -20.28 2.04 13.01
N ASN A 178 -21.54 2.19 13.37
CA ASN A 178 -22.63 2.17 12.39
C ASN A 178 -22.47 3.32 11.41
N GLU A 179 -21.96 4.45 11.87
CA GLU A 179 -21.65 5.55 10.97
C GLU A 179 -20.63 5.15 9.88
N GLN A 180 -19.53 4.49 10.26
CA GLN A 180 -18.51 4.07 9.30
C GLN A 180 -19.11 3.08 8.31
N LYS A 181 -19.84 2.10 8.84
CA LYS A 181 -20.49 1.08 8.02
C LYS A 181 -21.48 1.67 7.03
N GLN A 182 -22.34 2.57 7.49
CA GLN A 182 -23.32 3.18 6.60
C GLN A 182 -22.69 4.02 5.49
N THR A 183 -21.62 4.73 5.80
CA THR A 183 -20.86 5.50 4.84
C THR A 183 -20.36 4.61 3.70
N ILE A 184 -19.75 3.49 4.03
CA ILE A 184 -19.28 2.57 2.96
C ILE A 184 -20.47 2.07 2.11
N LEU A 185 -21.53 1.65 2.78
CA LEU A 185 -22.72 1.08 2.10
C LEU A 185 -23.45 2.10 1.19
N THR A 186 -23.38 3.38 1.54
CA THR A 186 -23.89 4.43 0.65
C THR A 186 -23.18 4.35 -0.70
N HIS A 187 -21.84 4.21 -0.69
CA HIS A 187 -21.03 4.15 -1.91
C HIS A 187 -21.01 2.78 -2.60
N PHE A 188 -21.07 1.73 -1.79
CA PHE A 188 -21.01 0.34 -2.27
C PHE A 188 -22.11 -0.45 -1.65
N PRO A 189 -23.35 -0.28 -2.16
CA PRO A 189 -24.46 -0.99 -1.54
C PRO A 189 -24.33 -2.52 -1.49
N GLU A 190 -23.54 -3.10 -2.39
CA GLU A 190 -23.38 -4.54 -2.47
C GLU A 190 -22.16 -5.08 -1.71
N ALA A 191 -21.47 -4.21 -0.98
CA ALA A 191 -20.24 -4.66 -0.27
C ALA A 191 -20.60 -5.65 0.83
N GLN A 192 -19.85 -6.74 0.92
CA GLN A 192 -20.13 -7.80 1.86
C GLN A 192 -19.34 -7.57 3.14
N SER A 193 -18.15 -6.98 3.00
CA SER A 193 -17.25 -6.79 4.13
C SER A 193 -16.23 -5.72 3.80
N ALA A 194 -15.70 -5.06 4.83
CA ALA A 194 -14.65 -4.04 4.69
C ALA A 194 -13.50 -4.45 5.56
N GLU A 195 -12.31 -4.48 4.97
CA GLU A 195 -11.11 -4.89 5.72
C GLU A 195 -9.92 -4.05 5.30
N MSE A 196 -8.69 -4.47 5.65
CA MSE A 196 -7.53 -3.58 5.53
CA MSE A 196 -7.52 -3.59 5.53
C MSE A 196 -6.40 -4.03 4.60
O MSE A 196 -5.42 -3.31 4.47
CB MSE A 196 -7.04 -3.23 6.98
CB MSE A 196 -6.92 -3.40 6.94
CG MSE A 196 -8.14 -2.47 7.72
CG MSE A 196 -7.94 -2.80 7.87
SE MSE A 196 -7.59 -2.01 9.56
SE MSE A 196 -7.03 -2.62 9.61
CE MSE A 196 -7.43 -3.83 10.23
CE MSE A 196 -6.48 -0.81 9.17
N GLU A 197 -6.52 -5.17 3.91
CA GLU A 197 -5.43 -5.63 3.00
C GLU A 197 -5.84 -6.15 1.59
N GLY A 198 -7.11 -6.48 1.43
CA GLY A 198 -7.54 -7.18 0.22
C GLY A 198 -7.24 -6.49 -1.09
N ALA A 199 -7.69 -5.24 -1.23
CA ALA A 199 -7.57 -4.57 -2.48
C ALA A 199 -6.13 -4.14 -2.77
N SER A 200 -5.32 -3.97 -1.72
CA SER A 200 -3.90 -3.59 -1.87
C SER A 200 -3.10 -4.81 -2.37
N ILE A 201 -3.42 -6.00 -1.86
CA ILE A 201 -2.81 -7.22 -2.34
C ILE A 201 -3.26 -7.41 -3.80
N ALA A 202 -4.55 -7.16 -4.03
CA ALA A 202 -5.12 -7.30 -5.39
C ALA A 202 -4.46 -6.36 -6.37
N GLN A 203 -4.21 -5.12 -5.94
CA GLN A 203 -3.58 -4.19 -6.81
C GLN A 203 -2.18 -4.63 -7.22
N VAL A 204 -1.39 -5.12 -6.28
CA VAL A 204 -0.05 -5.58 -6.63
C VAL A 204 -0.10 -6.85 -7.50
N ALA A 205 -0.98 -7.79 -7.19
CA ALA A 205 -1.10 -9.05 -7.98
C ALA A 205 -1.52 -8.70 -9.38
N ASN A 206 -2.47 -7.78 -9.50
CA ASN A 206 -2.94 -7.33 -10.83
C ASN A 206 -1.78 -6.70 -11.64
N TYR A 207 -1.00 -5.83 -11.01
CA TYR A 207 0.12 -5.21 -11.66
C TYR A 207 1.10 -6.25 -12.24
N PHE A 208 1.36 -7.32 -11.48
CA PHE A 208 2.25 -8.42 -11.91
C PHE A 208 1.54 -9.52 -12.75
N ASP A 209 0.28 -9.32 -13.13
CA ASP A 209 -0.54 -10.33 -13.83
C ASP A 209 -0.51 -11.68 -13.13
N VAL A 210 -0.57 -11.69 -11.80
CA VAL A 210 -0.67 -12.91 -11.03
C VAL A 210 -2.10 -13.08 -10.53
N PRO A 211 -2.74 -14.19 -10.86
CA PRO A 211 -4.08 -14.43 -10.32
C PRO A 211 -4.14 -14.43 -8.83
N PHE A 212 -5.21 -13.84 -8.30
CA PHE A 212 -5.40 -13.76 -6.85
C PHE A 212 -6.80 -14.15 -6.43
N ALA A 213 -6.90 -14.58 -5.19
CA ALA A 213 -8.20 -14.81 -4.54
C ALA A 213 -8.14 -14.17 -3.15
N VAL A 214 -9.28 -13.68 -2.71
CA VAL A 214 -9.47 -13.13 -1.37
C VAL A 214 -10.64 -13.81 -0.70
N VAL A 215 -10.43 -14.37 0.48
CA VAL A 215 -11.40 -15.13 1.23
C VAL A 215 -11.46 -14.53 2.63
N ARG A 216 -12.67 -14.28 3.09
CA ARG A 216 -12.86 -13.81 4.48
C ARG A 216 -13.96 -14.58 5.20
N ALA A 217 -13.60 -15.17 6.34
CA ALA A 217 -14.58 -15.73 7.27
C ALA A 217 -15.19 -14.59 8.12
N ILE A 218 -16.51 -14.56 8.15
CA ILE A 218 -17.25 -13.51 8.78
C ILE A 218 -17.27 -13.74 10.33
N SER A 219 -16.82 -12.74 11.08
CA SER A 219 -16.58 -12.87 12.53
C SER A 219 -17.72 -12.31 13.40
N ASP A 220 -18.74 -11.70 12.78
CA ASP A 220 -19.91 -11.23 13.55
C ASP A 220 -21.19 -11.39 12.75
N ASN A 221 -22.34 -11.14 13.37
CA ASN A 221 -23.61 -11.13 12.66
C ASN A 221 -23.98 -9.72 12.28
N ALA A 222 -24.38 -9.55 11.03
CA ALA A 222 -24.81 -8.27 10.50
C ALA A 222 -26.01 -7.67 11.27
N ASN A 223 -26.90 -8.52 11.78
CA ASN A 223 -28.08 -7.99 12.51
C ASN A 223 -27.76 -7.50 13.92
N GLY A 224 -26.55 -7.75 14.40
CA GLY A 224 -26.09 -7.30 15.72
C GLY A 224 -26.31 -8.33 16.81
N GLU A 225 -26.87 -9.48 16.43
CA GLU A 225 -27.20 -10.55 17.37
C GLU A 225 -25.92 -11.14 17.98
N ALA A 226 -26.02 -11.66 19.20
CA ALA A 226 -24.87 -12.18 19.93
C ALA A 226 -24.47 -13.56 19.43
N GLY A 227 -23.15 -13.75 19.28
CA GLY A 227 -22.59 -15.06 18.93
C GLY A 227 -21.29 -15.24 19.68
N MSE A 228 -20.52 -16.28 19.34
CA MSE A 228 -19.24 -16.53 20.04
C MSE A 228 -18.29 -15.35 19.95
O MSE A 228 -18.40 -14.51 19.05
CB MSE A 228 -18.60 -17.82 19.53
CG MSE A 228 -18.02 -17.68 18.14
SE MSE A 228 -17.21 -19.39 17.62
CE MSE A 228 -18.29 -19.77 16.03
N THR A 229 -17.37 -15.27 20.91
CA THR A 229 -16.38 -14.20 20.97
C THR A 229 -15.47 -14.22 19.73
N PHE A 230 -14.91 -13.06 19.36
CA PHE A 230 -13.96 -13.04 18.26
C PHE A 230 -12.77 -13.96 18.54
N ASP A 231 -12.34 -14.00 19.80
CA ASP A 231 -11.16 -14.81 20.13
CA ASP A 231 -11.22 -14.84 20.28
C ASP A 231 -11.38 -16.32 19.92
N ASP A 232 -12.57 -16.86 20.19
CA ASP A 232 -12.86 -18.28 19.92
CA ASP A 232 -12.84 -18.28 19.92
C ASP A 232 -13.04 -18.53 18.43
N PHE A 233 -13.80 -17.64 17.80
CA PHE A 233 -14.07 -17.73 16.37
C PHE A 233 -12.80 -17.87 15.53
N ILE A 234 -11.83 -17.01 15.80
CA ILE A 234 -10.64 -16.90 14.95
C ILE A 234 -9.79 -18.18 14.94
N VAL A 235 -9.82 -18.91 16.06
CA VAL A 235 -9.18 -20.22 16.13
C VAL A 235 -9.89 -21.22 15.23
N GLU A 236 -11.22 -21.27 15.33
CA GLU A 236 -12.01 -22.17 14.46
C GLU A 236 -11.80 -21.79 12.98
N ALA A 237 -11.91 -20.50 12.68
CA ALA A 237 -11.77 -19.99 11.30
C ALA A 237 -10.40 -20.34 10.68
N GLY A 238 -9.33 -20.23 11.45
CA GLY A 238 -8.01 -20.55 10.93
C GLY A 238 -7.79 -22.01 10.59
N GLN A 239 -8.27 -22.87 11.48
CA GLN A 239 -8.17 -24.33 11.26
C GLN A 239 -8.96 -24.74 10.04
N GLN A 240 -10.19 -24.22 9.97
CA GLN A 240 -11.08 -24.46 8.81
C GLN A 240 -10.44 -24.03 7.52
N SER A 241 -9.93 -22.79 7.48
CA SER A 241 -9.24 -22.30 6.27
C SER A 241 -8.10 -23.21 5.84
N ALA A 242 -7.25 -23.66 6.76
CA ALA A 242 -6.16 -24.53 6.42
C ALA A 242 -6.64 -25.88 5.85
N GLN A 243 -7.70 -26.45 6.44
CA GLN A 243 -8.27 -27.71 5.94
C GLN A 243 -8.73 -27.56 4.51
N VAL A 244 -9.42 -26.44 4.27
CA VAL A 244 -9.87 -26.11 2.91
C VAL A 244 -8.70 -25.96 1.99
N LEU A 245 -7.67 -25.18 2.37
CA LEU A 245 -6.54 -24.99 1.49
C LEU A 245 -5.76 -26.27 1.24
N ILE A 246 -5.57 -27.07 2.29
CA ILE A 246 -4.88 -28.36 2.13
C ILE A 246 -5.67 -29.23 1.14
N ASN A 247 -6.99 -29.26 1.25
CA ASN A 247 -7.81 -30.01 0.29
C ASN A 247 -7.57 -29.54 -1.13
N PHE A 248 -7.60 -28.21 -1.30
CA PHE A 248 -7.35 -27.61 -2.61
C PHE A 248 -5.97 -27.99 -3.16
N PHE A 249 -4.93 -27.88 -2.34
CA PHE A 249 -3.58 -28.17 -2.80
C PHE A 249 -3.43 -29.65 -3.18
N GLU A 250 -4.04 -30.53 -2.39
CA GLU A 250 -3.96 -31.97 -2.67
C GLU A 250 -4.82 -32.40 -3.84
N ALA A 251 -5.76 -31.54 -4.24
CA ALA A 251 -6.60 -31.77 -5.42
C ALA A 251 -5.90 -31.37 -6.72
N GLN A 252 -4.93 -30.46 -6.66
CA GLN A 252 -4.25 -29.98 -7.88
C GLN A 252 -3.38 -31.04 -8.57
N ALA A 253 -2.88 -32.01 -7.80
CA ALA A 253 -2.14 -33.14 -8.34
C ALA A 253 -1.26 -32.74 -9.53
N MSE B 23 28.07 7.25 -2.11
CA MSE B 23 26.68 7.64 -1.76
C MSE B 23 25.75 7.53 -2.96
O MSE B 23 26.05 8.06 -4.05
CB MSE B 23 26.66 9.05 -1.17
CG MSE B 23 27.13 9.04 0.28
SE MSE B 23 25.66 8.43 1.46
CE MSE B 23 25.86 9.78 2.88
N ARG B 24 24.64 6.81 -2.78
CA ARG B 24 23.68 6.56 -3.83
C ARG B 24 22.33 7.09 -3.37
N TYR B 25 21.77 8.00 -4.15
CA TYR B 25 20.49 8.66 -3.82
C TYR B 25 19.41 8.17 -4.75
N GLY B 26 18.26 7.82 -4.18
CA GLY B 26 17.09 7.51 -4.99
C GLY B 26 16.14 8.70 -5.02
N VAL B 27 15.75 9.11 -6.20
CA VAL B 27 14.82 10.21 -6.40
C VAL B 27 13.58 9.58 -6.95
N ILE B 28 12.51 9.65 -6.17
CA ILE B 28 11.21 9.18 -6.59
C ILE B 28 10.36 10.37 -7.02
N ASN B 29 10.03 10.40 -8.31
CA ASN B 29 9.69 11.60 -9.06
C ASN B 29 8.24 11.54 -9.60
N ALA B 30 7.68 12.72 -9.80
CA ALA B 30 6.35 12.83 -10.40
C ALA B 30 6.27 13.87 -11.51
N MSE B 31 7.19 14.83 -11.50
CA MSE B 31 7.15 15.98 -12.42
C MSE B 31 8.07 15.67 -13.56
O MSE B 31 9.27 15.47 -13.36
CB MSE B 31 7.64 17.21 -11.65
CG MSE B 31 6.69 17.56 -10.51
SE MSE B 31 7.26 19.20 -9.54
CE MSE B 31 8.74 18.54 -8.44
N ALA B 32 7.55 15.63 -14.79
CA ALA B 32 8.35 15.15 -15.93
C ALA B 32 9.55 16.04 -16.23
N GLU B 33 9.42 17.34 -15.94
CA GLU B 33 10.49 18.27 -16.24
C GLU B 33 11.65 18.10 -15.24
N GLU B 34 11.31 17.63 -14.03
CA GLU B 34 12.35 17.28 -13.06
C GLU B 34 13.13 16.07 -13.59
N LYS B 35 12.43 15.04 -14.04
CA LYS B 35 13.12 13.81 -14.54
C LYS B 35 14.03 14.12 -15.74
N ALA B 36 13.49 14.84 -16.70
CA ALA B 36 14.25 15.24 -17.91
C ALA B 36 15.53 15.95 -17.55
N ALA B 37 15.42 16.94 -16.66
CA ALA B 37 16.56 17.73 -16.26
C ALA B 37 17.59 16.94 -15.45
N LEU B 38 17.12 16.04 -14.57
CA LEU B 38 18.04 15.19 -13.82
C LEU B 38 18.76 14.21 -14.76
N VAL B 39 17.99 13.64 -15.67
CA VAL B 39 18.57 12.76 -16.69
C VAL B 39 19.61 13.49 -17.55
N ASP B 40 19.23 14.66 -18.08
CA ASP B 40 20.16 15.56 -18.78
C ASP B 40 21.48 15.82 -18.03
N ALA B 41 21.44 15.95 -16.71
CA ALA B 41 22.65 16.23 -15.94
C ALA B 41 23.52 14.99 -15.70
N MSE B 42 22.98 13.79 -15.93
CA MSE B 42 23.69 12.55 -15.64
CA MSE B 42 23.69 12.55 -15.65
C MSE B 42 24.79 12.29 -16.64
O MSE B 42 24.62 12.54 -17.82
CB MSE B 42 22.76 11.34 -15.70
CB MSE B 42 22.78 11.32 -15.75
CG MSE B 42 21.96 11.23 -14.42
CG MSE B 42 22.04 11.08 -14.45
SE MSE B 42 20.94 9.54 -14.48
SE MSE B 42 20.68 9.71 -14.82
CE MSE B 42 19.70 9.88 -15.93
CE MSE B 42 19.87 9.83 -13.02
N ILE B 43 25.91 11.76 -16.16
CA ILE B 43 26.93 11.22 -17.04
C ILE B 43 26.78 9.68 -16.95
N ASP B 44 26.99 9.01 -18.09
CA ASP B 44 27.02 7.56 -18.12
C ASP B 44 25.69 7.00 -17.61
N GLU B 45 24.59 7.49 -18.18
CA GLU B 45 23.28 6.99 -17.78
C GLU B 45 23.15 5.50 -18.15
N LYS B 46 22.61 4.72 -17.21
CA LYS B 46 22.22 3.34 -17.50
C LYS B 46 20.77 3.15 -17.09
N LYS B 47 19.93 2.80 -18.07
CA LYS B 47 18.52 2.49 -17.82
C LYS B 47 18.29 1.02 -17.60
N THR B 48 17.46 0.71 -16.61
CA THR B 48 17.02 -0.65 -16.38
C THR B 48 15.51 -0.64 -16.07
N THR B 49 14.79 -1.58 -16.69
CA THR B 49 13.39 -1.78 -16.37
C THR B 49 13.30 -3.00 -15.46
N ILE B 50 12.65 -2.83 -14.32
CA ILE B 50 12.53 -3.88 -13.35
C ILE B 50 11.07 -3.89 -12.94
N ALA B 51 10.43 -5.06 -13.07
CA ALA B 51 9.00 -5.19 -12.77
C ALA B 51 8.22 -4.11 -13.45
N GLY B 52 8.55 -3.87 -14.72
CA GLY B 52 7.93 -2.82 -15.50
C GLY B 52 8.19 -1.37 -15.05
N LYS B 53 9.03 -1.13 -14.05
CA LYS B 53 9.35 0.27 -13.63
C LYS B 53 10.69 0.63 -14.31
N LEU B 54 10.76 1.83 -14.86
CA LEU B 54 11.98 2.30 -15.54
C LEU B 54 12.82 3.13 -14.60
N PHE B 55 14.04 2.68 -14.38
CA PHE B 55 15.01 3.32 -13.52
C PHE B 55 16.14 3.94 -14.34
N HIS B 56 16.42 5.20 -14.08
CA HIS B 56 17.57 5.88 -14.68
C HIS B 56 18.67 6.04 -13.66
N HIS B 57 19.84 5.48 -13.96
CA HIS B 57 20.92 5.39 -13.02
C HIS B 57 22.16 6.06 -13.64
N GLY B 58 22.67 7.09 -12.97
CA GLY B 58 23.83 7.86 -13.48
C GLY B 58 24.46 8.67 -12.37
N LYS B 59 25.59 9.28 -12.68
CA LYS B 59 26.26 10.14 -11.72
C LYS B 59 25.82 11.57 -12.00
N ILE B 60 25.53 12.29 -10.93
CA ILE B 60 25.42 13.76 -10.96
C ILE B 60 26.46 14.34 -10.02
N GLY B 61 27.38 15.13 -10.57
CA GLY B 61 28.57 15.45 -9.78
C GLY B 61 29.31 14.15 -9.47
N HIS B 62 29.72 13.98 -8.22
CA HIS B 62 30.44 12.77 -7.81
C HIS B 62 29.52 11.71 -7.17
N VAL B 63 28.22 11.98 -7.10
CA VAL B 63 27.32 11.04 -6.42
C VAL B 63 26.46 10.25 -7.38
N ASP B 64 26.09 9.06 -6.92
CA ASP B 64 25.34 8.21 -7.77
C ASP B 64 23.85 8.49 -7.50
N VAL B 65 23.08 8.61 -8.56
CA VAL B 65 21.66 8.93 -8.49
C VAL B 65 20.83 7.93 -9.29
N VAL B 66 19.72 7.49 -8.70
CA VAL B 66 18.76 6.67 -9.39
C VAL B 66 17.40 7.37 -9.38
N VAL B 67 16.82 7.56 -10.54
CA VAL B 67 15.55 8.27 -10.69
C VAL B 67 14.48 7.33 -11.18
N VAL B 68 13.29 7.40 -10.59
CA VAL B 68 12.18 6.56 -11.00
C VAL B 68 10.86 7.28 -10.70
N GLU B 69 9.88 7.12 -11.58
CA GLU B 69 8.55 7.70 -11.36
C GLU B 69 7.79 6.99 -10.22
N SER B 70 7.16 7.76 -9.34
CA SER B 70 6.50 7.18 -8.16
C SER B 70 5.33 6.27 -8.43
N GLY B 71 4.55 6.59 -9.46
CA GLY B 71 3.20 6.09 -9.57
C GLY B 71 2.25 6.91 -8.71
N ILE B 72 0.95 6.72 -8.91
CA ILE B 72 -0.05 7.47 -8.20
C ILE B 72 -0.72 6.67 -7.10
N GLY B 73 -0.69 7.24 -5.90
CA GLY B 73 -1.42 6.65 -4.80
C GLY B 73 -0.49 5.82 -3.91
N LYS B 74 -1.06 5.31 -2.83
CA LYS B 74 -0.30 4.71 -1.72
C LYS B 74 0.36 3.40 -2.13
N VAL B 75 -0.42 2.52 -2.74
CA VAL B 75 0.13 1.20 -3.13
C VAL B 75 1.13 1.27 -4.28
N ALA B 76 0.84 2.08 -5.30
CA ALA B 76 1.75 2.25 -6.42
C ALA B 76 3.09 2.81 -5.98
N SER B 77 3.06 3.83 -5.13
CA SER B 77 4.29 4.46 -4.58
C SER B 77 5.03 3.54 -3.63
N ALA B 78 4.29 2.76 -2.85
CA ALA B 78 4.91 1.75 -2.00
C ALA B 78 5.66 0.67 -2.82
N LEU B 79 5.05 0.20 -3.90
CA LEU B 79 5.68 -0.78 -4.83
C LEU B 79 6.95 -0.17 -5.43
N THR B 80 6.86 1.07 -5.93
CA THR B 80 8.03 1.75 -6.46
C THR B 80 9.18 1.83 -5.47
N THR B 81 8.88 2.23 -4.25
CA THR B 81 9.88 2.42 -3.22
C THR B 81 10.52 1.07 -2.87
N THR B 82 9.69 0.05 -2.73
CA THR B 82 10.17 -1.30 -2.43
C THR B 82 11.16 -1.76 -3.52
N LEU B 83 10.81 -1.55 -4.77
CA LEU B 83 11.69 -2.02 -5.88
C LEU B 83 12.96 -1.20 -5.92
N LEU B 84 12.84 0.10 -5.66
CA LEU B 84 14.01 0.98 -5.67
C LEU B 84 15.03 0.56 -4.63
N ILE B 85 14.60 0.36 -3.39
CA ILE B 85 15.49 0.00 -2.32
C ILE B 85 16.05 -1.43 -2.54
N THR B 86 15.19 -2.37 -2.87
CA THR B 86 15.68 -3.78 -3.00
C THR B 86 16.60 -3.99 -4.21
N ASN B 87 16.39 -3.25 -5.27
CA ASN B 87 17.21 -3.41 -6.48
C ASN B 87 18.45 -2.52 -6.56
N PHE B 88 18.47 -1.37 -5.88
CA PHE B 88 19.59 -0.45 -5.99
C PHE B 88 20.28 -0.15 -4.68
N GLY B 89 19.71 -0.56 -3.57
CA GLY B 89 20.35 -0.36 -2.29
C GLY B 89 20.66 1.11 -2.02
N VAL B 90 19.70 1.99 -2.33
CA VAL B 90 19.95 3.41 -2.15
C VAL B 90 20.18 3.76 -0.70
N ASP B 91 21.06 4.74 -0.43
CA ASP B 91 21.38 5.21 0.91
C ASP B 91 20.34 6.22 1.41
N ALA B 92 19.56 6.78 0.50
CA ALA B 92 18.52 7.75 0.85
C ALA B 92 17.54 7.93 -0.27
N VAL B 93 16.33 8.34 0.10
CA VAL B 93 15.23 8.54 -0.84
C VAL B 93 14.75 9.99 -0.71
N ILE B 94 14.67 10.65 -1.85
CA ILE B 94 14.12 12.01 -1.99
C ILE B 94 12.88 11.92 -2.85
N ASN B 95 11.73 12.37 -2.36
CA ASN B 95 10.49 12.29 -3.05
C ASN B 95 9.97 13.70 -3.28
N SER B 96 10.07 14.19 -4.49
CA SER B 96 9.71 15.54 -4.87
CA SER B 96 9.67 15.57 -4.79
C SER B 96 8.40 15.53 -5.64
N GLY B 97 7.59 16.58 -5.51
CA GLY B 97 6.37 16.68 -6.31
C GLY B 97 5.69 18.02 -6.05
N SER B 98 4.44 18.10 -6.47
CA SER B 98 3.64 19.30 -6.29
C SER B 98 2.32 18.87 -5.68
N ALA B 99 1.74 19.72 -4.84
CA ALA B 99 0.53 19.36 -4.10
C ALA B 99 -0.18 20.64 -3.71
N GLY B 100 -1.45 20.50 -3.38
CA GLY B 100 -2.23 21.65 -2.87
C GLY B 100 -1.98 22.01 -1.42
N ALA B 101 -2.20 23.28 -1.08
CA ALA B 101 -2.04 23.75 0.27
C ALA B 101 -3.22 23.40 1.15
N LEU B 102 -2.93 22.96 2.38
CA LEU B 102 -3.88 23.04 3.48
C LEU B 102 -3.58 24.26 4.37
N GLY B 103 -2.29 24.57 4.57
CA GLY B 103 -1.90 25.72 5.39
C GLY B 103 -2.52 27.02 4.86
N THR B 104 -3.40 27.63 5.65
CA THR B 104 -3.96 28.97 5.34
C THR B 104 -2.92 30.03 4.93
N ASP B 105 -1.73 29.96 5.51
CA ASP B 105 -0.70 30.95 5.17
C ASP B 105 0.10 30.62 3.89
N LEU B 106 -0.11 29.44 3.30
CA LEU B 106 0.63 29.09 2.07
C LEU B 106 -0.01 29.63 0.82
N ARG B 107 0.79 29.78 -0.22
CA ARG B 107 0.30 30.12 -1.55
C ARG B 107 1.05 29.37 -2.64
N ILE B 108 0.49 29.39 -3.85
CA ILE B 108 1.11 28.80 -5.01
C ILE B 108 2.56 29.26 -5.14
N GLY B 109 3.47 28.29 -5.26
CA GLY B 109 4.88 28.56 -5.33
C GLY B 109 5.68 28.39 -4.05
N ASP B 110 5.01 28.31 -2.90
CA ASP B 110 5.71 27.99 -1.64
C ASP B 110 6.21 26.54 -1.71
N ILE B 111 7.28 26.26 -0.98
CA ILE B 111 7.87 24.93 -0.90
C ILE B 111 7.72 24.39 0.55
N VAL B 112 7.11 23.21 0.67
CA VAL B 112 6.99 22.52 1.93
C VAL B 112 7.98 21.36 1.95
N ILE B 113 8.87 21.38 2.93
CA ILE B 113 9.78 20.27 3.21
C ILE B 113 9.26 19.60 4.45
N ALA B 114 8.81 18.34 4.31
CA ALA B 114 8.16 17.68 5.43
C ALA B 114 9.09 17.46 6.60
N ASP B 115 8.61 17.67 7.81
CA ASP B 115 9.30 17.13 8.99
C ASP B 115 8.71 15.81 9.43
N TYR B 116 7.38 15.68 9.33
CA TYR B 116 6.68 14.44 9.64
C TYR B 116 5.64 14.19 8.56
N LEU B 117 5.31 12.91 8.38
CA LEU B 117 4.19 12.50 7.53
C LEU B 117 3.23 11.58 8.24
N ALA B 118 1.95 11.64 7.84
CA ALA B 118 0.93 10.79 8.44
C ALA B 118 -0.13 10.54 7.40
N TYR B 119 -0.96 9.55 7.64
CA TYR B 119 -2.09 9.22 6.76
C TYR B 119 -3.29 10.09 7.17
N ALA B 120 -3.86 10.74 6.17
CA ALA B 120 -4.86 11.80 6.37
C ALA B 120 -6.17 11.32 6.93
N ASP B 121 -6.53 10.07 6.64
CA ASP B 121 -7.86 9.59 6.99
C ASP B 121 -7.87 8.15 7.58
N ALA B 122 -6.71 7.63 8.03
CA ALA B 122 -6.65 6.28 8.59
C ALA B 122 -7.16 6.33 10.04
N ASP B 123 -8.21 5.60 10.35
CA ASP B 123 -8.85 5.68 11.67
C ASP B 123 -9.03 4.32 12.29
N ALA B 124 -8.14 3.98 13.22
CA ALA B 124 -8.23 2.73 13.99
C ALA B 124 -8.31 3.10 15.46
N ARG B 125 -8.95 4.24 15.73
CA ARG B 125 -9.08 4.72 17.12
C ARG B 125 -9.86 3.78 18.04
N ALA B 126 -10.66 2.88 17.50
CA ALA B 126 -11.31 1.87 18.34
C ALA B 126 -10.34 1.05 19.19
N PHE B 127 -9.09 0.87 18.74
CA PHE B 127 -8.08 0.10 19.49
C PHE B 127 -7.00 0.95 20.10
N GLY B 128 -7.28 2.24 20.25
CA GLY B 128 -6.34 3.12 20.92
C GLY B 128 -5.30 3.79 20.04
N TYR B 129 -5.28 3.47 18.75
CA TYR B 129 -4.34 4.14 17.85
C TYR B 129 -4.69 5.62 17.72
N ALA B 130 -3.69 6.43 17.37
CA ALA B 130 -3.88 7.85 17.17
C ALA B 130 -4.58 8.03 15.84
N TYR B 131 -5.40 9.06 15.71
CA TYR B 131 -5.94 9.32 14.36
C TYR B 131 -4.80 9.42 13.35
N GLY B 132 -4.97 8.78 12.18
CA GLY B 132 -3.95 8.75 11.17
C GLY B 132 -2.93 7.60 11.26
N GLN B 133 -2.87 6.93 12.40
CA GLN B 133 -1.95 5.82 12.61
C GLN B 133 -2.54 4.50 12.10
N VAL B 134 -1.78 3.79 11.28
CA VAL B 134 -2.14 2.45 10.89
C VAL B 134 -1.58 1.50 11.96
N PRO B 135 -2.35 0.50 12.38
CA PRO B 135 -1.82 -0.46 13.40
C PRO B 135 -0.51 -1.08 12.95
N GLN B 136 0.44 -1.22 13.87
CA GLN B 136 1.78 -1.72 13.57
C GLN B 136 2.73 -0.76 12.84
N GLN B 137 2.26 0.47 12.65
CA GLN B 137 3.08 1.56 12.18
C GLN B 137 3.23 2.61 13.26
N PRO B 138 4.29 3.41 13.20
CA PRO B 138 4.29 4.58 14.09
C PRO B 138 3.17 5.58 13.76
N ALA B 139 2.77 6.41 14.72
CA ALA B 139 1.71 7.39 14.47
C ALA B 139 2.06 8.35 13.37
N ARG B 140 3.34 8.73 13.31
CA ARG B 140 3.85 9.62 12.27
C ARG B 140 5.24 9.14 11.86
N PHE B 141 5.58 9.35 10.59
CA PHE B 141 6.88 9.04 10.03
C PHE B 141 7.77 10.28 10.03
N LYS B 142 8.98 10.16 10.55
CA LYS B 142 9.89 11.28 10.69
C LYS B 142 10.89 11.35 9.51
N ALA B 143 10.84 12.45 8.76
CA ALA B 143 11.80 12.68 7.69
C ALA B 143 13.20 12.89 8.27
N ASP B 144 14.18 12.56 7.48
CA ASP B 144 15.55 12.66 7.93
C ASP B 144 15.92 14.13 8.18
N THR B 145 16.36 14.42 9.38
CA THR B 145 16.66 15.79 9.79
CA THR B 145 16.62 15.79 9.75
C THR B 145 17.79 16.35 8.94
N ASP B 146 18.89 15.61 8.83
CA ASP B 146 20.03 16.11 8.04
C ASP B 146 19.70 16.33 6.57
N LEU B 147 19.13 15.31 5.91
CA LEU B 147 18.82 15.40 4.49
C LEU B 147 17.81 16.53 4.23
N SER B 148 16.83 16.66 5.11
CA SER B 148 15.79 17.70 4.97
C SER B 148 16.38 19.10 5.09
N ASN B 149 17.27 19.25 6.06
CA ASN B 149 18.02 20.49 6.22
C ASN B 149 18.92 20.80 5.02
N ASP B 150 19.60 19.78 4.50
CA ASP B 150 20.47 19.93 3.33
C ASP B 150 19.64 20.43 2.14
N LEU B 151 18.45 19.85 1.95
CA LEU B 151 17.65 20.26 0.82
C LEU B 151 17.13 21.71 1.01
N SER B 152 16.76 22.05 2.22
CA SER B 152 16.35 23.43 2.55
C SER B 152 17.48 24.43 2.22
N GLU B 153 18.70 24.11 2.65
CA GLU B 153 19.88 24.95 2.30
C GLU B 153 20.08 25.11 0.80
N SER B 154 19.88 24.03 0.04
CA SER B 154 19.99 24.09 -1.41
CA SER B 154 19.99 24.11 -1.42
C SER B 154 18.90 25.00 -2.03
N TYR B 155 17.66 24.86 -1.54
CA TYR B 155 16.60 25.77 -2.01
C TYR B 155 16.94 27.23 -1.68
N GLU B 156 17.49 27.46 -0.49
CA GLU B 156 17.91 28.83 -0.08
C GLU B 156 19.03 29.39 -0.93
N LYS B 157 19.95 28.54 -1.38
CA LYS B 157 21.09 28.99 -2.20
C LYS B 157 20.68 29.27 -3.64
N VAL B 158 19.85 28.40 -4.20
CA VAL B 158 19.53 28.35 -5.63
C VAL B 158 18.28 29.11 -5.96
N THR B 159 17.41 29.36 -4.97
CA THR B 159 16.10 29.93 -5.28
C THR B 159 15.77 31.03 -4.29
N ASP B 160 14.72 31.78 -4.58
CA ASP B 160 14.18 32.79 -3.66
CA ASP B 160 14.16 32.79 -3.68
C ASP B 160 12.77 32.36 -3.19
N ALA B 161 12.51 31.04 -3.19
CA ALA B 161 11.21 30.53 -2.74
C ALA B 161 11.05 30.64 -1.24
N ARG B 162 9.81 30.75 -0.78
CA ARG B 162 9.47 30.73 0.64
C ARG B 162 9.37 29.26 1.00
N LEU B 163 10.10 28.88 2.05
CA LEU B 163 10.22 27.49 2.49
C LEU B 163 9.56 27.32 3.82
N VAL B 164 8.85 26.20 3.98
CA VAL B 164 8.15 25.91 5.21
C VAL B 164 8.47 24.47 5.62
N ARG B 165 8.73 24.24 6.90
CA ARG B 165 8.89 22.88 7.41
CA ARG B 165 8.89 22.88 7.41
C ARG B 165 7.60 22.51 8.15
N GLY B 166 7.04 21.34 7.87
CA GLY B 166 5.86 20.95 8.60
C GLY B 166 5.24 19.64 8.13
N LEU B 167 4.04 19.39 8.61
CA LEU B 167 3.42 18.06 8.47
C LEU B 167 2.84 17.94 7.07
N VAL B 168 3.11 16.80 6.40
CA VAL B 168 2.44 16.48 5.15
C VAL B 168 1.60 15.21 5.37
N VAL B 169 0.36 15.20 4.88
CA VAL B 169 -0.50 14.07 5.08
C VAL B 169 -0.89 13.46 3.73
N THR B 170 -1.20 12.16 3.76
CA THR B 170 -1.37 11.38 2.54
C THR B 170 -2.65 10.57 2.56
N SER B 171 -3.32 10.47 1.40
CA SER B 171 -4.46 9.61 1.25
C SER B 171 -4.56 9.18 -0.22
N ASP B 172 -5.42 8.21 -0.48
CA ASP B 172 -5.72 7.73 -1.83
C ASP B 172 -6.93 8.48 -2.42
N SER B 173 -7.24 9.62 -1.82
CA SER B 173 -8.20 10.58 -2.40
C SER B 173 -7.47 11.79 -2.99
N PHE B 174 -8.09 12.40 -4.00
CA PHE B 174 -7.62 13.68 -4.48
C PHE B 174 -8.39 14.73 -3.71
N ILE B 175 -7.71 15.50 -2.86
CA ILE B 175 -8.37 16.43 -1.95
C ILE B 175 -8.59 17.76 -2.68
N ALA B 176 -9.79 17.94 -3.22
CA ALA B 176 -10.05 18.98 -4.20
C ALA B 176 -10.62 20.23 -3.53
N SER B 177 -11.71 20.03 -2.82
CA SER B 177 -12.43 21.13 -2.19
C SER B 177 -11.85 21.66 -0.87
N ASN B 178 -12.08 22.94 -0.62
CA ASN B 178 -11.82 23.53 0.69
C ASN B 178 -12.53 22.81 1.82
N GLU B 179 -13.70 22.24 1.50
CA GLU B 179 -14.40 21.43 2.46
C GLU B 179 -13.59 20.22 2.86
N GLN B 180 -13.07 19.48 1.89
CA GLN B 180 -12.27 18.24 2.18
C GLN B 180 -11.05 18.62 3.00
N LYS B 181 -10.48 19.78 2.70
CA LYS B 181 -9.30 20.29 3.40
C LYS B 181 -9.55 20.58 4.88
N GLN B 182 -10.67 21.24 5.23
CA GLN B 182 -10.96 21.56 6.64
CA GLN B 182 -10.97 21.55 6.64
C GLN B 182 -11.25 20.28 7.43
N THR B 183 -11.89 19.30 6.81
CA THR B 183 -12.10 18.00 7.42
C THR B 183 -10.77 17.36 7.88
N ILE B 184 -9.77 17.38 6.99
CA ILE B 184 -8.41 16.95 7.38
C ILE B 184 -7.83 17.85 8.47
N LEU B 185 -7.99 19.18 8.35
CA LEU B 185 -7.44 20.09 9.34
C LEU B 185 -8.10 19.92 10.70
N THR B 186 -9.33 19.42 10.76
CA THR B 186 -9.94 19.17 12.09
C THR B 186 -9.20 18.08 12.87
N HIS B 187 -8.59 17.14 12.13
CA HIS B 187 -7.77 16.08 12.74
C HIS B 187 -6.28 16.44 12.89
N PHE B 188 -5.76 17.21 11.95
CA PHE B 188 -4.36 17.62 11.90
C PHE B 188 -4.31 19.15 11.71
N PRO B 189 -4.52 19.91 12.81
CA PRO B 189 -4.62 21.36 12.63
C PRO B 189 -3.38 21.98 12.00
N GLU B 190 -2.21 21.38 12.19
CA GLU B 190 -0.99 21.95 11.62
C GLU B 190 -0.53 21.32 10.29
N ALA B 191 -1.36 20.49 9.69
CA ALA B 191 -1.06 19.97 8.33
C ALA B 191 -0.83 21.07 7.31
N GLN B 192 0.27 20.96 6.56
CA GLN B 192 0.60 21.93 5.53
C GLN B 192 0.05 21.59 4.15
N SER B 193 0.01 20.28 3.79
CA SER B 193 -0.39 19.85 2.48
C SER B 193 -0.90 18.39 2.56
N ALA B 194 -1.83 18.02 1.69
CA ALA B 194 -2.35 16.68 1.56
C ALA B 194 -2.04 16.21 0.16
N GLU B 195 -1.52 15.01 0.03
CA GLU B 195 -1.22 14.50 -1.28
C GLU B 195 -1.31 12.94 -1.26
N MSE B 196 -0.75 12.25 -2.26
CA MSE B 196 -1.14 10.84 -2.51
C MSE B 196 -0.02 9.82 -2.43
O MSE B 196 -0.31 8.65 -2.54
CB MSE B 196 -1.96 10.67 -3.82
CG MSE B 196 -3.23 11.51 -3.75
SE MSE B 196 -4.21 11.33 -5.47
CE MSE B 196 -4.94 9.57 -5.10
N GLU B 197 1.22 10.24 -2.18
CA GLU B 197 2.32 9.28 -2.07
C GLU B 197 3.29 9.42 -0.91
N GLY B 198 3.29 10.55 -0.20
CA GLY B 198 4.41 10.85 0.70
C GLY B 198 4.54 9.88 1.87
N ALA B 199 3.44 9.64 2.59
CA ALA B 199 3.49 8.80 3.79
C ALA B 199 3.70 7.33 3.44
N SER B 200 3.20 6.89 2.27
CA SER B 200 3.44 5.54 1.80
C SER B 200 4.90 5.28 1.40
N ILE B 201 5.53 6.23 0.69
CA ILE B 201 6.97 6.21 0.45
C ILE B 201 7.70 6.20 1.81
N ALA B 202 7.31 7.08 2.70
CA ALA B 202 7.91 7.10 4.06
C ALA B 202 7.82 5.79 4.81
N GLN B 203 6.68 5.16 4.75
CA GLN B 203 6.43 3.93 5.48
C GLN B 203 7.39 2.86 4.98
N VAL B 204 7.55 2.76 3.66
CA VAL B 204 8.45 1.73 3.09
C VAL B 204 9.91 2.09 3.44
N ALA B 205 10.29 3.35 3.24
CA ALA B 205 11.68 3.78 3.56
C ALA B 205 11.96 3.51 5.04
N ASN B 206 11.03 3.86 5.93
CA ASN B 206 11.15 3.58 7.36
C ASN B 206 11.35 2.10 7.66
N TYR B 207 10.56 1.25 6.99
CA TYR B 207 10.67 -0.20 7.16
C TYR B 207 12.09 -0.69 6.85
N PHE B 208 12.65 -0.21 5.74
CA PHE B 208 14.05 -0.52 5.32
C PHE B 208 15.17 0.27 6.05
N ASP B 209 14.81 1.11 7.02
CA ASP B 209 15.75 1.94 7.75
CA ASP B 209 15.74 1.97 7.74
C ASP B 209 16.55 2.85 6.78
N VAL B 210 15.88 3.34 5.73
CA VAL B 210 16.50 4.22 4.74
C VAL B 210 16.00 5.65 5.03
N PRO B 211 16.92 6.59 5.26
CA PRO B 211 16.50 7.97 5.45
C PRO B 211 15.80 8.56 4.23
N PHE B 212 14.77 9.37 4.49
CA PHE B 212 13.96 9.94 3.40
C PHE B 212 13.65 11.40 3.62
N ALA B 213 13.39 12.08 2.52
CA ALA B 213 12.87 13.46 2.56
C ALA B 213 11.73 13.55 1.60
N VAL B 214 10.77 14.40 1.92
CA VAL B 214 9.59 14.61 1.09
C VAL B 214 9.43 16.12 0.92
N VAL B 215 9.41 16.55 -0.34
CA VAL B 215 9.34 17.96 -0.70
C VAL B 215 8.13 18.15 -1.62
N ARG B 216 7.33 19.19 -1.35
CA ARG B 216 6.22 19.49 -2.21
C ARG B 216 6.15 21.01 -2.57
N ALA B 217 6.10 21.29 -3.87
CA ALA B 217 5.83 22.65 -4.34
C ALA B 217 4.32 22.83 -4.30
N ILE B 218 3.87 23.91 -3.67
CA ILE B 218 2.45 24.18 -3.50
C ILE B 218 1.87 24.70 -4.82
N SER B 219 0.85 24.00 -5.31
CA SER B 219 0.33 24.24 -6.65
C SER B 219 -1.03 24.99 -6.66
N ASP B 220 -1.54 25.31 -5.48
CA ASP B 220 -2.86 25.98 -5.34
C ASP B 220 -2.94 26.55 -3.94
N ASN B 221 -3.74 27.60 -3.74
CA ASN B 221 -3.92 28.22 -2.43
C ASN B 221 -5.01 27.46 -1.69
N ALA B 222 -5.00 27.49 -0.36
CA ALA B 222 -6.05 26.82 0.39
C ALA B 222 -7.41 27.29 -0.13
N ASN B 223 -7.57 28.61 -0.31
CA ASN B 223 -8.83 29.22 -0.77
C ASN B 223 -9.02 29.38 -2.30
N GLY B 224 -8.12 28.80 -3.09
CA GLY B 224 -8.25 28.85 -4.55
C GLY B 224 -9.33 27.93 -5.07
N PHE B 230 -2.13 26.08 -12.91
CA PHE B 230 -1.57 27.36 -13.33
C PHE B 230 -0.56 27.17 -14.46
N ASP B 231 -0.46 28.17 -15.34
CA ASP B 231 0.33 28.09 -16.58
C ASP B 231 1.79 27.79 -16.28
N ASP B 232 2.24 26.63 -16.78
CA ASP B 232 3.64 26.21 -16.67
CA ASP B 232 3.64 26.25 -16.68
C ASP B 232 4.10 26.06 -15.22
N PHE B 233 3.17 25.90 -14.28
CA PHE B 233 3.57 25.74 -12.87
C PHE B 233 4.36 24.47 -12.67
N ILE B 234 3.81 23.34 -13.11
CA ILE B 234 4.45 22.05 -12.86
C ILE B 234 5.77 21.99 -13.63
N VAL B 235 5.80 22.58 -14.82
CA VAL B 235 7.03 22.72 -15.57
C VAL B 235 8.08 23.49 -14.77
N GLU B 236 7.73 24.69 -14.32
CA GLU B 236 8.71 25.52 -13.61
C GLU B 236 9.13 24.90 -12.30
N ALA B 237 8.18 24.32 -11.56
CA ALA B 237 8.51 23.67 -10.28
C ALA B 237 9.39 22.44 -10.50
N GLY B 238 9.17 21.72 -11.60
CA GLY B 238 10.00 20.56 -11.96
C GLY B 238 11.41 21.01 -12.27
N GLN B 239 11.54 22.06 -13.07
CA GLN B 239 12.85 22.59 -13.44
C GLN B 239 13.58 23.09 -12.21
N GLN B 240 12.86 23.82 -11.36
CA GLN B 240 13.48 24.36 -10.12
C GLN B 240 13.95 23.23 -9.21
N SER B 241 13.10 22.21 -9.05
CA SER B 241 13.43 21.09 -8.18
C SER B 241 14.71 20.39 -8.67
N ALA B 242 14.80 20.16 -9.97
CA ALA B 242 15.98 19.55 -10.57
C ALA B 242 17.21 20.43 -10.34
N GLN B 243 17.08 21.75 -10.46
CA GLN B 243 18.21 22.64 -10.19
C GLN B 243 18.64 22.55 -8.75
N VAL B 244 17.67 22.44 -7.84
CA VAL B 244 17.97 22.36 -6.42
C VAL B 244 18.69 21.05 -6.16
N LEU B 245 18.18 19.98 -6.73
CA LEU B 245 18.79 18.66 -6.49
C LEU B 245 20.20 18.57 -7.07
N ILE B 246 20.37 19.09 -8.28
CA ILE B 246 21.70 19.13 -8.95
C ILE B 246 22.71 19.93 -8.11
N ASN B 247 22.30 21.10 -7.63
CA ASN B 247 23.14 21.84 -6.70
C ASN B 247 23.55 21.00 -5.47
N PHE B 248 22.60 20.29 -4.87
CA PHE B 248 22.88 19.46 -3.69
C PHE B 248 23.86 18.35 -4.06
N PHE B 249 23.60 17.68 -5.17
CA PHE B 249 24.46 16.55 -5.61
C PHE B 249 25.87 17.06 -5.92
N GLU B 250 25.93 18.17 -6.66
CA GLU B 250 27.23 18.75 -7.04
C GLU B 250 28.06 19.27 -5.88
N ALA B 251 27.45 19.48 -4.72
CA ALA B 251 28.18 19.89 -3.53
C ALA B 251 28.95 18.79 -2.83
N GLN B 252 28.62 17.54 -3.11
CA GLN B 252 29.10 16.40 -2.33
C GLN B 252 30.52 16.04 -2.73
N ALA B 253 31.28 15.55 -1.76
CA ALA B 253 32.68 15.19 -1.97
C ALA B 253 32.84 14.28 -3.17
C1 EDO C . -17.73 -3.85 9.30
O1 EDO C . -17.65 -5.05 10.06
C2 EDO C . -16.72 -4.00 8.19
O2 EDO C . -16.95 -5.20 7.40
C1 EDO D . 3.89 1.28 -9.87
O1 EDO D . 4.40 2.39 -9.19
C2 EDO D . 2.71 0.74 -9.10
O2 EDO D . 2.20 -0.47 -9.66
C1 EDO E . -0.32 18.50 13.22
O1 EDO E . -1.65 18.93 13.36
C2 EDO E . 0.49 18.77 14.45
O2 EDO E . 1.59 17.92 14.32
C1 EDO F . 4.93 20.43 12.82
O1 EDO F . 3.52 20.46 12.60
C2 EDO F . 5.29 18.97 13.01
O2 EDO F . 4.93 18.24 11.83
C1 GOL G . -7.78 4.69 4.05
C1 GOL G . -7.42 5.00 3.63
O1 GOL G . -7.51 5.49 5.23
O1 GOL G . -8.32 3.98 3.29
C2 GOL G . -7.25 5.21 2.70
C2 GOL G . -6.83 5.43 2.32
O2 GOL G . -6.20 4.44 2.17
O2 GOL G . -5.70 4.69 1.99
C3 GOL G . -6.62 6.58 2.71
C3 GOL G . -6.40 6.87 2.39
O3 GOL G . -7.31 7.24 1.69
O3 GOL G . -7.19 7.47 1.39
#